data_6JBE
#
_entry.id   6JBE
#
_cell.length_a   84.990
_cell.length_b   84.990
_cell.length_c   145.830
_cell.angle_alpha   90.000
_cell.angle_beta   90.000
_cell.angle_gamma   90.000
#
_symmetry.space_group_name_H-M   'P 41 21 2'
#
loop_
_entity.id
_entity.type
_entity.pdbx_description
1 polymer 'ABC transporter, periplasmic substrate-binding protein'
2 non-polymer alpha-D-glucopyranose
3 non-polymer 'CITRIC ACID'
4 non-polymer GLYCEROL
5 non-polymer DI(HYDROXYETHYL)ETHER
6 non-polymer 1,2-ETHANEDIOL
7 non-polymer 'CARBON DIOXIDE'
8 water water
#
_entity_poly.entity_id   1
_entity_poly.type   'polypeptide(L)'
_entity_poly.pdbx_seq_one_letter_code
;QSGPVIRVAGDSTAVGEGGRWMKEMVEAWGKKTGTRVEYIDSPADTNDRLALYQQYWAARSPDVDVYMIDVIWPGIVAPH
ALDLKPYLTEAELKEFFPRIVQNNTIRGKLTSLPFFTDAGILYYRKDLLEKYGYTSPPRTWNELEQMAERVMEGERRAGN
RDFWGFVFQGKPYEGLTCDALEWIYSHGGGRIVEPDGTISVNNGRAALALNRAHGWVGRIAPQGVTSYAEEEARNVWQQG
NSLFMRNWPYAYALGQAEGSPIRGKFGVTVLPKASADAPNAATLGGAQLMVSAYSRYPKEAVDLVKYLASYEVQKDNAVR
LSRLPTRPALYTDRDVLARNPWFRDLLPVFQNAVSRPSDVAGARYNQVSEAIWTEVHSVLTGRKKGEQAVRDLEARIRRI
LRHHHHHH
;
_entity_poly.pdbx_strand_id   A
#
loop_
_chem_comp.id
_chem_comp.type
_chem_comp.name
_chem_comp.formula
CIT non-polymer 'CITRIC ACID' 'C6 H8 O7'
CO2 non-polymer 'CARBON DIOXIDE' 'C O2'
EDO non-polymer 1,2-ETHANEDIOL 'C2 H6 O2'
GLC D-saccharide, alpha linking alpha-D-glucopyranose 'C6 H12 O6'
GOL non-polymer GLYCEROL 'C3 H8 O3'
PEG non-polymer DI(HYDROXYETHYL)ETHER 'C4 H10 O3'
#
# COMPACT_ATOMS: atom_id res chain seq x y z
N GLY A 3 15.33 -12.82 31.41
CA GLY A 3 14.56 -11.56 31.18
C GLY A 3 13.48 -11.80 30.13
N PRO A 4 12.55 -10.85 29.96
CA PRO A 4 11.51 -11.07 28.94
C PRO A 4 12.05 -11.35 27.52
N VAL A 5 11.24 -12.06 26.76
CA VAL A 5 11.48 -12.19 25.34
C VAL A 5 10.38 -11.36 24.64
N ILE A 6 10.79 -10.34 23.87
CA ILE A 6 9.83 -9.45 23.17
C ILE A 6 9.65 -10.00 21.75
N ARG A 7 8.42 -10.39 21.42
CA ARG A 7 8.15 -11.09 20.18
C ARG A 7 7.35 -10.17 19.27
N VAL A 8 7.78 -10.11 18.02
CA VAL A 8 7.22 -9.16 17.07
C VAL A 8 6.68 -9.89 15.83
N ALA A 9 5.46 -9.54 15.41
CA ALA A 9 4.90 -9.98 14.12
C ALA A 9 4.69 -8.74 13.30
N GLY A 10 5.38 -8.63 12.19
CA GLY A 10 5.16 -7.45 11.34
C GLY A 10 5.98 -7.55 10.07
N ASP A 11 5.36 -7.27 8.93
CA ASP A 11 5.97 -7.40 7.64
C ASP A 11 6.14 -8.86 7.25
N SER A 12 6.68 -9.10 6.10
CA SER A 12 6.72 -10.46 5.55
C SER A 12 7.99 -10.69 4.79
N THR A 13 8.68 -11.80 5.03
CA THR A 13 9.79 -12.17 4.18
C THR A 13 9.41 -12.52 2.74
N ALA A 14 8.12 -12.66 2.46
CA ALA A 14 7.67 -12.93 1.12
C ALA A 14 7.49 -11.68 0.29
N VAL A 15 7.71 -10.48 0.85
CA VAL A 15 7.53 -9.29 0.04
C VAL A 15 8.79 -8.42 0.10
N GLY A 16 9.59 -8.46 -0.97
CA GLY A 16 10.82 -7.66 -0.96
C GLY A 16 11.72 -7.97 0.22
N GLU A 17 12.35 -6.93 0.74
CA GLU A 17 13.24 -7.01 1.87
C GLU A 17 12.58 -6.66 3.19
N GLY A 18 11.26 -6.43 3.19
CA GLY A 18 10.57 -5.95 4.41
C GLY A 18 10.74 -6.84 5.63
N GLY A 19 10.49 -8.14 5.45
CA GLY A 19 10.62 -9.06 6.58
C GLY A 19 12.02 -9.16 7.11
N ARG A 20 12.97 -9.26 6.21
CA ARG A 20 14.35 -9.39 6.58
C ARG A 20 14.86 -8.15 7.32
N TRP A 21 14.53 -6.97 6.79
CA TRP A 21 14.88 -5.69 7.39
C TRP A 21 14.21 -5.51 8.71
N MET A 22 12.95 -5.90 8.83
CA MET A 22 12.22 -5.71 10.07
C MET A 22 12.90 -6.57 11.16
N LYS A 23 13.19 -7.84 10.83
CA LYS A 23 13.87 -8.70 11.81
C LYS A 23 15.25 -8.09 12.21
N GLU A 24 15.99 -7.54 11.25
CA GLU A 24 17.27 -6.91 11.54
C GLU A 24 17.11 -5.72 12.52
N MET A 25 16.07 -4.90 12.30
CA MET A 25 15.85 -3.79 13.20
C MET A 25 15.49 -4.22 14.61
N VAL A 26 14.64 -5.24 14.71
CA VAL A 26 14.22 -5.76 16.02
C VAL A 26 15.44 -6.34 16.73
N GLU A 27 16.24 -7.09 16.01
CA GLU A 27 17.48 -7.65 16.60
C GLU A 27 18.45 -6.55 17.05
N ALA A 28 18.52 -5.44 16.34
CA ALA A 28 19.40 -4.31 16.70
C ALA A 28 18.93 -3.68 18.01
N TRP A 29 17.61 -3.54 18.14
CA TRP A 29 17.04 -3.03 19.38
C TRP A 29 17.36 -3.98 20.50
N GLY A 30 17.17 -5.27 20.26
CA GLY A 30 17.47 -6.26 21.30
C GLY A 30 18.95 -6.18 21.77
N LYS A 31 19.85 -6.07 20.84
CA LYS A 31 21.24 -5.97 21.17
C LYS A 31 21.55 -4.67 21.91
N LYS A 32 20.98 -3.55 21.47
CA LYS A 32 21.17 -2.27 22.10
C LYS A 32 20.71 -2.22 23.55
N THR A 33 19.60 -2.87 23.85
CA THR A 33 18.98 -2.79 25.16
C THR A 33 19.28 -4.01 26.03
N GLY A 34 19.96 -4.99 25.49
CA GLY A 34 20.13 -6.31 26.12
C GLY A 34 18.83 -7.03 26.41
N THR A 35 17.90 -7.06 25.44
CA THR A 35 16.62 -7.75 25.58
C THR A 35 16.56 -8.85 24.55
N ARG A 36 16.10 -10.04 24.95
CA ARG A 36 15.87 -11.10 24.01
C ARG A 36 14.68 -10.74 23.15
N VAL A 37 14.75 -11.12 21.88
CA VAL A 37 13.68 -10.80 20.91
C VAL A 37 13.46 -11.98 20.04
N GLU A 38 12.24 -12.11 19.48
CA GLU A 38 11.96 -13.12 18.45
C GLU A 38 11.03 -12.45 17.40
N TYR A 39 11.26 -12.81 16.17
CA TYR A 39 10.48 -12.31 15.04
C TYR A 39 9.65 -13.46 14.52
N ILE A 40 8.38 -13.21 14.34
CA ILE A 40 7.42 -14.14 13.81
C ILE A 40 7.06 -13.61 12.42
N ASP A 41 7.25 -14.46 11.44
CA ASP A 41 7.01 -14.11 10.05
C ASP A 41 5.49 -14.10 9.76
N SER A 42 5.08 -13.49 8.64
CA SER A 42 3.66 -13.32 8.25
C SER A 42 3.50 -13.63 6.78
N PRO A 43 2.28 -13.93 6.33
CA PRO A 43 2.04 -14.15 4.89
C PRO A 43 2.17 -12.84 4.14
N ALA A 44 2.30 -12.91 2.83
CA ALA A 44 2.52 -11.71 2.01
C ALA A 44 1.37 -10.68 2.14
N ASP A 45 0.15 -11.13 1.96
CA ASP A 45 -0.99 -10.21 1.71
C ASP A 45 -1.56 -9.71 3.03
N THR A 46 -1.85 -8.43 3.08
CA THR A 46 -2.35 -7.81 4.29
C THR A 46 -3.60 -8.50 4.83
N ASN A 47 -4.53 -8.88 3.99
CA ASN A 47 -5.79 -9.48 4.46
C ASN A 47 -5.56 -10.87 5.07
N ASP A 48 -4.53 -11.58 4.56
CA ASP A 48 -4.09 -12.81 5.23
C ASP A 48 -3.42 -12.57 6.57
N ARG A 49 -2.61 -11.52 6.62
CA ARG A 49 -2.01 -11.14 7.88
C ARG A 49 -3.07 -10.81 8.92
N LEU A 50 -4.12 -10.10 8.50
CA LEU A 50 -5.14 -9.70 9.47
C LEU A 50 -5.78 -10.97 10.06
N ALA A 51 -6.05 -11.96 9.22
CA ALA A 51 -6.72 -13.19 9.69
C ALA A 51 -5.79 -13.94 10.64
N LEU A 52 -4.48 -13.96 10.33
CA LEU A 52 -3.52 -14.56 11.23
C LEU A 52 -3.48 -13.87 12.61
N TYR A 53 -3.32 -12.56 12.61
CA TYR A 53 -3.23 -11.82 13.84
C TYR A 53 -4.53 -11.90 14.69
N GLN A 54 -5.66 -12.00 14.02
CA GLN A 54 -6.95 -12.14 14.67
CA GLN A 54 -6.95 -12.15 14.67
C GLN A 54 -7.03 -13.43 15.46
N GLN A 55 -6.26 -14.45 15.04
CA GLN A 55 -6.25 -15.68 15.85
C GLN A 55 -5.59 -15.41 17.18
N TYR A 56 -4.49 -14.66 17.19
CA TYR A 56 -3.80 -14.32 18.44
C TYR A 56 -4.77 -13.42 19.25
N TRP A 57 -5.37 -12.44 18.62
CA TRP A 57 -6.18 -11.51 19.39
C TRP A 57 -7.40 -12.17 20.04
N ALA A 58 -8.10 -13.00 19.28
CA ALA A 58 -9.27 -13.74 19.76
C ALA A 58 -8.88 -14.53 20.99
N ALA A 59 -7.67 -15.09 21.00
CA ALA A 59 -7.18 -15.86 22.14
C ALA A 59 -6.61 -15.03 23.29
N ARG A 60 -6.61 -13.70 23.17
CA ARG A 60 -5.87 -12.82 24.10
C ARG A 60 -4.47 -13.29 24.29
N SER A 61 -3.82 -13.71 23.20
CA SER A 61 -2.54 -14.38 23.36
C SER A 61 -1.44 -13.44 23.74
N PRO A 62 -0.62 -13.81 24.75
CA PRO A 62 0.61 -13.06 25.08
C PRO A 62 1.83 -13.39 24.22
N ASP A 63 1.64 -14.20 23.20
CA ASP A 63 2.74 -14.76 22.43
C ASP A 63 3.31 -13.80 21.37
N VAL A 64 2.67 -12.65 21.20
CA VAL A 64 3.21 -11.60 20.35
C VAL A 64 3.00 -10.29 21.11
N ASP A 65 4.07 -9.52 21.27
CA ASP A 65 4.06 -8.26 22.02
C ASP A 65 3.82 -7.02 21.13
N VAL A 66 4.29 -7.10 19.87
CA VAL A 66 4.26 -5.94 18.95
C VAL A 66 3.83 -6.43 17.58
N TYR A 67 2.85 -5.74 17.00
CA TYR A 67 2.36 -6.03 15.67
C TYR A 67 2.52 -4.84 14.76
N MET A 68 2.93 -5.09 13.52
CA MET A 68 2.84 -4.07 12.50
C MET A 68 1.47 -4.13 11.87
N ILE A 69 0.71 -3.03 11.91
CA ILE A 69 -0.70 -3.04 11.47
C ILE A 69 -0.88 -2.11 10.28
N ASP A 70 -1.84 -2.45 9.44
CA ASP A 70 -2.07 -1.70 8.18
C ASP A 70 -2.84 -0.41 8.54
N VAL A 71 -2.70 0.62 7.68
CA VAL A 71 -3.33 1.91 7.89
C VAL A 71 -4.86 1.77 7.95
N ILE A 72 -5.37 0.72 7.35
CA ILE A 72 -6.81 0.41 7.21
C ILE A 72 -7.36 -0.32 8.47
N TRP A 73 -6.49 -0.67 9.43
CA TRP A 73 -6.85 -1.51 10.54
C TRP A 73 -7.23 -0.88 11.89
N PRO A 74 -6.81 0.34 12.20
CA PRO A 74 -7.06 0.82 13.60
C PRO A 74 -8.50 0.64 14.08
N GLY A 75 -9.49 0.89 13.22
CA GLY A 75 -10.86 0.73 13.63
C GLY A 75 -11.31 -0.68 13.93
N ILE A 76 -10.67 -1.63 13.27
CA ILE A 76 -10.84 -3.08 13.53
C ILE A 76 -10.09 -3.51 14.80
N VAL A 77 -8.84 -3.07 14.94
CA VAL A 77 -7.92 -3.68 15.94
C VAL A 77 -7.85 -2.96 17.27
N ALA A 78 -8.50 -1.81 17.38
CA ALA A 78 -8.37 -1.00 18.59
C ALA A 78 -8.52 -1.70 19.94
N PRO A 79 -9.46 -2.65 20.08
CA PRO A 79 -9.60 -3.39 21.38
C PRO A 79 -8.38 -4.19 21.72
N HIS A 80 -7.62 -4.55 20.71
CA HIS A 80 -6.39 -5.36 20.89
C HIS A 80 -5.12 -4.57 21.02
N ALA A 81 -5.26 -3.23 21.02
CA ALA A 81 -4.13 -2.34 21.07
C ALA A 81 -3.99 -1.72 22.49
N LEU A 82 -2.79 -1.62 22.97
CA LEU A 82 -2.48 -0.77 24.17
C LEU A 82 -2.47 0.67 23.81
N ASP A 83 -3.23 1.51 24.53
CA ASP A 83 -3.25 2.95 24.25
C ASP A 83 -1.87 3.52 24.49
N LEU A 84 -1.25 4.07 23.44
CA LEU A 84 0.09 4.60 23.52
C LEU A 84 0.11 6.05 23.99
N LYS A 85 -1.04 6.69 24.00
CA LYS A 85 -1.04 8.14 24.25
C LYS A 85 -0.35 8.51 25.56
N PRO A 86 -0.55 7.73 26.63
CA PRO A 86 0.13 8.16 27.86
C PRO A 86 1.64 7.99 27.82
N TYR A 87 2.16 7.29 26.80
CA TYR A 87 3.59 6.99 26.69
C TYR A 87 4.36 7.98 25.87
N LEU A 88 3.65 8.85 25.20
CA LEU A 88 4.26 9.84 24.30
C LEU A 88 3.95 11.26 24.75
N THR A 89 4.93 12.14 24.74
CA THR A 89 4.64 13.58 24.89
C THR A 89 3.97 14.14 23.63
N GLU A 90 3.25 15.26 23.80
CA GLU A 90 2.65 15.95 22.67
C GLU A 90 3.75 16.32 21.65
N ALA A 91 4.92 16.71 22.14
CA ALA A 91 6.03 17.10 21.24
C ALA A 91 6.51 15.88 20.43
N GLU A 92 6.65 14.73 21.10
CA GLU A 92 7.04 13.52 20.39
C GLU A 92 6.06 13.15 19.27
N LEU A 93 4.76 13.26 19.55
CA LEU A 93 3.71 12.92 18.59
C LEU A 93 3.63 13.87 17.46
N LYS A 94 3.98 15.14 17.69
CA LYS A 94 3.96 16.09 16.62
C LYS A 94 5.06 15.90 15.60
N GLU A 95 6.04 15.05 15.86
CA GLU A 95 7.08 14.79 14.89
C GLU A 95 6.58 13.90 13.74
N PHE A 96 5.38 13.31 13.90
CA PHE A 96 4.78 12.48 12.85
C PHE A 96 3.77 13.32 12.09
N PHE A 97 3.46 12.91 10.87
CA PHE A 97 2.36 13.54 10.16
C PHE A 97 1.06 13.50 10.97
N PRO A 98 0.43 14.64 11.20
CA PRO A 98 -0.83 14.59 11.99
C PRO A 98 -1.96 13.76 11.36
N ARG A 99 -2.02 13.68 10.03
CA ARG A 99 -3.06 12.89 9.37
C ARG A 99 -2.97 11.40 9.83
N ILE A 100 -1.75 10.89 9.98
CA ILE A 100 -1.57 9.46 10.29
C ILE A 100 -1.79 9.23 11.79
N VAL A 101 -1.39 10.16 12.61
CA VAL A 101 -1.64 10.04 14.06
C VAL A 101 -3.17 10.02 14.25
N GLN A 102 -3.88 10.88 13.52
CA GLN A 102 -5.34 10.92 13.59
C GLN A 102 -5.94 9.60 13.11
N ASN A 103 -5.45 9.07 11.98
CA ASN A 103 -5.95 7.80 11.45
C ASN A 103 -5.82 6.73 12.53
N ASN A 104 -4.70 6.77 13.27
CA ASN A 104 -4.38 5.73 14.24
C ASN A 104 -5.07 5.93 15.59
N THR A 105 -5.80 7.02 15.77
CA THR A 105 -6.46 7.34 17.01
C THR A 105 -7.95 7.02 16.84
N ILE A 106 -8.43 6.11 17.69
CA ILE A 106 -9.81 5.59 17.61
C ILE A 106 -10.42 5.76 19.02
N ARG A 107 -11.44 6.56 19.06
CA ARG A 107 -12.15 6.89 20.33
C ARG A 107 -11.14 7.27 21.42
N GLY A 108 -10.18 8.09 21.01
CA GLY A 108 -9.13 8.63 21.92
C GLY A 108 -7.95 7.78 22.16
N LYS A 109 -8.02 6.51 21.71
CA LYS A 109 -6.96 5.59 21.98
C LYS A 109 -5.98 5.78 20.84
N LEU A 110 -4.73 6.08 21.15
CA LEU A 110 -3.67 6.02 20.12
C LEU A 110 -3.27 4.56 19.96
N THR A 111 -3.82 3.95 18.92
CA THR A 111 -3.66 2.53 18.76
C THR A 111 -2.24 2.13 18.43
N SER A 112 -1.45 3.04 17.82
CA SER A 112 -0.27 2.65 17.14
C SER A 112 0.53 3.84 16.69
N LEU A 113 1.84 3.69 16.64
CA LEU A 113 2.65 4.78 16.12
C LEU A 113 2.83 4.65 14.61
N PRO A 114 2.81 5.80 13.90
CA PRO A 114 3.08 5.77 12.44
C PRO A 114 4.49 5.30 12.12
N PHE A 115 4.66 4.32 11.21
CA PHE A 115 5.97 3.72 10.98
C PHE A 115 6.47 4.09 9.58
N PHE A 116 5.79 3.61 8.55
CA PHE A 116 6.05 4.14 7.20
C PHE A 116 4.69 4.37 6.54
N THR A 117 4.65 5.35 5.62
CA THR A 117 3.45 5.58 4.83
C THR A 117 3.62 4.92 3.45
N ASP A 118 2.68 5.16 2.57
CA ASP A 118 2.64 4.45 1.30
C ASP A 118 1.65 5.17 0.40
N ALA A 119 1.93 5.15 -0.89
CA ALA A 119 1.03 5.69 -1.90
C ALA A 119 1.27 4.98 -3.22
N GLY A 120 0.20 4.66 -3.93
CA GLY A 120 0.34 4.06 -5.24
C GLY A 120 0.92 5.01 -6.28
N ILE A 121 1.93 4.56 -7.00
CA ILE A 121 2.59 5.38 -8.00
C ILE A 121 2.83 4.63 -9.31
N LEU A 122 3.11 5.39 -10.37
CA LEU A 122 3.38 4.81 -11.69
C LEU A 122 4.88 4.69 -11.87
N TYR A 123 5.34 3.45 -12.05
CA TYR A 123 6.72 3.15 -12.44
C TYR A 123 6.74 3.08 -14.01
N TYR A 124 7.78 3.63 -14.61
CA TYR A 124 7.87 3.63 -16.09
C TYR A 124 9.31 3.48 -16.56
N ARG A 125 9.49 2.74 -17.67
CA ARG A 125 10.78 2.51 -18.27
C ARG A 125 11.16 3.72 -19.15
N LYS A 126 12.08 4.52 -18.64
CA LYS A 126 12.51 5.76 -19.29
C LYS A 126 13.27 5.42 -20.58
N ASP A 127 14.06 4.35 -20.56
CA ASP A 127 14.76 3.94 -21.76
C ASP A 127 13.84 3.61 -22.88
N LEU A 128 12.73 2.89 -22.58
CA LEU A 128 11.80 2.52 -23.60
C LEU A 128 10.95 3.70 -24.05
N LEU A 129 10.61 4.60 -23.15
CA LEU A 129 9.88 5.83 -23.59
C LEU A 129 10.74 6.61 -24.66
N GLU A 130 11.98 6.82 -24.33
CA GLU A 130 12.95 7.51 -25.22
C GLU A 130 13.08 6.76 -26.54
N LYS A 131 13.22 5.43 -26.51
CA LYS A 131 13.38 4.62 -27.70
C LYS A 131 12.19 4.79 -28.66
N TYR A 132 10.99 4.99 -28.11
CA TYR A 132 9.81 5.07 -28.92
C TYR A 132 9.30 6.52 -29.12
N GLY A 133 10.10 7.49 -28.75
CA GLY A 133 9.83 8.89 -29.11
C GLY A 133 8.97 9.64 -28.12
N TYR A 134 8.80 9.13 -26.88
CA TYR A 134 8.01 9.79 -25.88
C TYR A 134 8.92 10.55 -24.89
N THR A 135 8.62 11.80 -24.63
CA THR A 135 9.44 12.61 -23.73
C THR A 135 8.99 12.65 -22.28
N SER A 136 7.75 12.26 -22.04
CA SER A 136 7.18 12.29 -20.70
C SER A 136 6.35 11.03 -20.46
N PRO A 137 6.25 10.65 -19.19
CA PRO A 137 5.33 9.55 -18.91
C PRO A 137 3.90 9.99 -19.11
N PRO A 138 2.99 9.05 -19.25
CA PRO A 138 1.62 9.37 -19.58
C PRO A 138 0.90 10.09 -18.47
N ARG A 139 0.11 11.10 -18.83
CA ARG A 139 -0.70 11.81 -17.90
C ARG A 139 -2.14 11.35 -17.83
N THR A 140 -2.64 10.72 -18.87
CA THR A 140 -3.97 10.23 -18.93
C THR A 140 -3.91 8.71 -19.18
N TRP A 141 -4.96 8.02 -18.75
CA TRP A 141 -5.07 6.59 -19.02
C TRP A 141 -5.04 6.29 -20.53
N ASN A 142 -5.69 7.15 -21.34
CA ASN A 142 -5.63 6.93 -22.78
C ASN A 142 -4.18 6.98 -23.27
N GLU A 143 -3.40 7.95 -22.82
CA GLU A 143 -1.99 7.97 -23.19
C GLU A 143 -1.22 6.75 -22.77
N LEU A 144 -1.47 6.30 -21.53
CA LEU A 144 -0.84 5.08 -21.07
C LEU A 144 -1.13 3.89 -22.03
N GLU A 145 -2.37 3.77 -22.48
CA GLU A 145 -2.79 2.70 -23.37
C GLU A 145 -2.09 2.84 -24.69
N GLN A 146 -2.05 4.05 -25.21
CA GLN A 146 -1.43 4.30 -26.54
C GLN A 146 0.07 3.98 -26.51
N MET A 147 0.76 4.44 -25.46
CA MET A 147 2.18 4.17 -25.29
C MET A 147 2.42 2.69 -25.13
N ALA A 148 1.64 2.06 -24.26
CA ALA A 148 1.78 0.62 -24.05
C ALA A 148 1.61 -0.18 -25.36
N GLU A 149 0.60 0.15 -26.14
CA GLU A 149 0.38 -0.59 -27.41
C GLU A 149 1.58 -0.43 -28.38
N ARG A 150 2.09 0.77 -28.51
CA ARG A 150 3.16 1.02 -29.44
C ARG A 150 4.46 0.38 -29.00
N VAL A 151 4.77 0.48 -27.71
CA VAL A 151 6.00 -0.09 -27.20
C VAL A 151 5.92 -1.62 -27.22
N MET A 152 4.76 -2.20 -26.85
CA MET A 152 4.60 -3.65 -26.92
C MET A 152 4.79 -4.12 -28.33
N GLU A 153 4.15 -3.47 -29.29
CA GLU A 153 4.29 -3.86 -30.71
C GLU A 153 5.76 -3.97 -31.12
N GLY A 154 6.54 -2.98 -30.74
CA GLY A 154 7.96 -2.94 -31.09
C GLY A 154 8.82 -3.93 -30.38
N GLU A 155 8.61 -4.08 -29.05
CA GLU A 155 9.44 -4.99 -28.30
C GLU A 155 9.13 -6.43 -28.68
N ARG A 156 7.87 -6.74 -28.95
CA ARG A 156 7.49 -8.07 -29.38
C ARG A 156 8.16 -8.35 -30.73
N ARG A 157 7.99 -7.43 -31.67
CA ARG A 157 8.56 -7.57 -32.99
C ARG A 157 10.07 -7.79 -32.90
N ALA A 158 10.75 -7.18 -31.93
CA ALA A 158 12.16 -7.38 -31.77
C ALA A 158 12.52 -8.68 -31.07
N GLY A 159 11.52 -9.47 -30.67
CA GLY A 159 11.79 -10.78 -30.14
C GLY A 159 11.60 -10.98 -28.64
N ASN A 160 11.16 -9.95 -27.88
CA ASN A 160 10.90 -10.22 -26.48
C ASN A 160 9.46 -10.69 -26.35
N ARG A 161 9.27 -12.00 -26.33
CA ARG A 161 7.91 -12.55 -26.27
C ARG A 161 7.28 -12.43 -24.86
N ASP A 162 8.09 -12.07 -23.87
CA ASP A 162 7.64 -11.89 -22.49
C ASP A 162 7.16 -10.44 -22.18
N PHE A 163 7.22 -9.57 -23.19
CA PHE A 163 7.01 -8.12 -22.95
C PHE A 163 5.54 -7.72 -22.90
N TRP A 164 5.18 -6.93 -21.86
CA TRP A 164 3.86 -6.38 -21.64
C TRP A 164 3.95 -4.86 -21.47
N GLY A 165 2.82 -4.21 -21.67
CA GLY A 165 2.75 -2.76 -21.51
C GLY A 165 2.51 -2.34 -20.07
N PHE A 166 1.75 -3.13 -19.31
CA PHE A 166 1.34 -2.67 -17.98
C PHE A 166 1.12 -3.84 -17.07
N VAL A 167 1.66 -3.77 -15.85
CA VAL A 167 1.32 -4.71 -14.78
C VAL A 167 0.85 -3.98 -13.51
N PHE A 168 -0.04 -4.64 -12.76
CA PHE A 168 -0.64 -4.05 -11.59
C PHE A 168 -1.15 -5.18 -10.71
N GLN A 169 -1.87 -4.87 -9.65
CA GLN A 169 -2.35 -5.89 -8.70
C GLN A 169 -3.81 -6.19 -9.05
N GLY A 170 -4.04 -7.32 -9.73
CA GLY A 170 -5.40 -7.72 -10.12
C GLY A 170 -5.98 -8.93 -9.38
N LYS A 171 -5.21 -9.50 -8.45
CA LYS A 171 -5.66 -10.63 -7.61
C LYS A 171 -6.82 -10.21 -6.71
N PRO A 172 -7.73 -11.12 -6.31
CA PRO A 172 -8.85 -10.76 -5.42
C PRO A 172 -8.37 -10.70 -4.00
N TYR A 173 -7.93 -9.51 -3.57
CA TYR A 173 -7.42 -9.31 -2.18
C TYR A 173 -7.34 -7.77 -1.99
N GLU A 174 -6.80 -7.36 -0.86
CA GLU A 174 -6.82 -5.93 -0.47
C GLU A 174 -6.08 -5.08 -1.48
N GLY A 175 -5.00 -5.57 -2.09
CA GLY A 175 -4.27 -4.80 -3.09
C GLY A 175 -5.14 -4.41 -4.28
N LEU A 176 -6.14 -5.21 -4.63
CA LEU A 176 -7.02 -4.84 -5.72
C LEU A 176 -7.95 -3.71 -5.29
N THR A 177 -8.39 -3.72 -4.02
CA THR A 177 -9.18 -2.57 -3.54
C THR A 177 -8.35 -1.29 -3.70
N CYS A 178 -7.05 -1.37 -3.39
CA CYS A 178 -6.15 -0.21 -3.60
C CYS A 178 -6.04 0.22 -5.06
N ASP A 179 -5.82 -0.74 -5.98
CA ASP A 179 -5.74 -0.38 -7.37
C ASP A 179 -7.08 0.20 -7.89
N ALA A 180 -8.18 -0.36 -7.43
CA ALA A 180 -9.49 0.00 -7.95
C ALA A 180 -9.92 1.35 -7.45
N LEU A 181 -9.57 1.69 -6.20
CA LEU A 181 -9.86 3.05 -5.66
C LEU A 181 -9.16 4.06 -6.58
N GLU A 182 -7.92 3.77 -6.94
CA GLU A 182 -7.19 4.67 -7.85
C GLU A 182 -7.88 4.80 -9.22
N TRP A 183 -8.29 3.65 -9.82
CA TRP A 183 -9.02 3.75 -11.10
C TRP A 183 -10.30 4.58 -10.96
N ILE A 184 -11.09 4.30 -9.94
CA ILE A 184 -12.38 4.93 -9.77
C ILE A 184 -12.22 6.43 -9.48
N TYR A 185 -11.36 6.77 -8.52
CA TYR A 185 -11.18 8.17 -8.13
C TYR A 185 -10.59 8.98 -9.28
N SER A 186 -9.65 8.42 -10.04
CA SER A 186 -8.99 9.13 -11.15
C SER A 186 -9.88 9.29 -12.39
N HIS A 187 -11.04 8.66 -12.38
CA HIS A 187 -12.05 8.86 -13.44
C HIS A 187 -13.15 9.85 -12.95
N GLY A 188 -12.98 10.43 -11.76
CA GLY A 188 -14.01 11.33 -11.16
C GLY A 188 -15.19 10.55 -10.65
N GLY A 189 -14.98 9.26 -10.34
CA GLY A 189 -16.05 8.38 -9.85
C GLY A 189 -16.20 8.29 -8.34
N GLY A 190 -15.40 9.07 -7.60
CA GLY A 190 -15.55 9.13 -6.13
C GLY A 190 -14.68 8.13 -5.39
N ARG A 191 -15.05 7.94 -4.11
CA ARG A 191 -14.21 7.22 -3.12
C ARG A 191 -14.80 5.89 -2.71
N ILE A 192 -15.81 5.45 -3.48
CA ILE A 192 -16.53 4.19 -3.26
C ILE A 192 -17.56 4.33 -2.13
N VAL A 193 -17.08 4.62 -0.92
CA VAL A 193 -17.89 5.09 0.17
C VAL A 193 -17.25 6.39 0.64
N GLU A 194 -18.02 7.48 0.57
CA GLU A 194 -17.50 8.77 0.93
C GLU A 194 -17.31 8.89 2.42
N PRO A 195 -16.44 9.83 2.85
CA PRO A 195 -16.22 10.03 4.31
C PRO A 195 -17.50 10.26 5.09
N ASP A 196 -18.52 10.87 4.47
CA ASP A 196 -19.78 11.12 5.12
C ASP A 196 -20.70 9.92 5.19
N GLY A 197 -20.28 8.81 4.60
CA GLY A 197 -21.06 7.61 4.63
C GLY A 197 -21.85 7.28 3.36
N THR A 198 -21.94 8.25 2.46
CA THR A 198 -22.63 8.02 1.20
C THR A 198 -21.94 6.92 0.38
N ILE A 199 -22.70 5.91 0.01
CA ILE A 199 -22.16 4.88 -0.90
C ILE A 199 -22.38 5.38 -2.30
N SER A 200 -21.30 5.80 -2.92
CA SER A 200 -21.36 6.60 -4.16
C SER A 200 -20.98 5.86 -5.39
N VAL A 201 -20.53 4.61 -5.22
CA VAL A 201 -19.81 3.88 -6.28
C VAL A 201 -20.71 3.57 -7.54
N ASN A 202 -22.03 3.50 -7.37
CA ASN A 202 -22.92 3.24 -8.51
C ASN A 202 -23.11 4.51 -9.38
N ASN A 203 -22.14 4.77 -10.23
CA ASN A 203 -22.15 5.88 -11.13
C ASN A 203 -21.37 5.51 -12.37
N GLY A 204 -21.65 6.22 -13.44
CA GLY A 204 -21.07 5.86 -14.73
C GLY A 204 -19.57 6.06 -14.83
N ARG A 205 -19.00 6.99 -14.06
CA ARG A 205 -17.56 7.18 -14.10
C ARG A 205 -16.83 5.97 -13.44
N ALA A 206 -17.36 5.52 -12.32
CA ALA A 206 -16.81 4.33 -11.64
C ALA A 206 -16.95 3.12 -12.59
N ALA A 207 -18.12 2.99 -13.22
CA ALA A 207 -18.33 1.87 -14.16
C ALA A 207 -17.30 1.90 -15.29
N LEU A 208 -17.02 3.08 -15.85
CA LEU A 208 -16.10 3.26 -16.94
C LEU A 208 -14.69 2.90 -16.50
N ALA A 209 -14.33 3.35 -15.30
CA ALA A 209 -13.01 3.01 -14.74
C ALA A 209 -12.82 1.47 -14.72
N LEU A 210 -13.84 0.72 -14.30
CA LEU A 210 -13.68 -0.73 -14.16
C LEU A 210 -13.65 -1.37 -15.57
N ASN A 211 -14.50 -0.89 -16.47
CA ASN A 211 -14.46 -1.39 -17.85
C ASN A 211 -13.14 -1.13 -18.54
N ARG A 212 -12.56 0.04 -18.32
CA ARG A 212 -11.24 0.33 -18.83
C ARG A 212 -10.21 -0.68 -18.35
N ALA A 213 -10.23 -0.97 -17.04
CA ALA A 213 -9.26 -1.89 -16.47
C ALA A 213 -9.46 -3.30 -17.12
N HIS A 214 -10.70 -3.73 -17.28
CA HIS A 214 -10.97 -5.02 -17.93
C HIS A 214 -10.34 -5.00 -19.30
N GLY A 215 -10.45 -3.89 -19.98
CA GLY A 215 -9.98 -3.80 -21.38
C GLY A 215 -8.46 -3.94 -21.46
N TRP A 216 -7.70 -3.71 -20.35
CA TRP A 216 -6.28 -4.00 -20.34
C TRP A 216 -5.93 -5.48 -20.34
N VAL A 217 -6.78 -6.29 -19.77
CA VAL A 217 -6.43 -7.67 -19.40
C VAL A 217 -6.30 -8.53 -20.68
N GLY A 218 -5.10 -9.04 -20.89
CA GLY A 218 -4.83 -9.84 -22.05
C GLY A 218 -4.49 -9.06 -23.26
N ARG A 219 -4.42 -7.73 -23.11
CA ARG A 219 -4.16 -6.83 -24.22
C ARG A 219 -2.87 -6.07 -23.93
N ILE A 220 -2.86 -5.08 -23.04
CA ILE A 220 -1.59 -4.49 -22.56
C ILE A 220 -1.00 -5.07 -21.29
N ALA A 221 -1.86 -5.80 -20.53
CA ALA A 221 -1.49 -6.50 -19.30
C ALA A 221 -1.69 -7.98 -19.54
N PRO A 222 -0.92 -8.81 -18.85
CA PRO A 222 -1.03 -10.26 -19.06
C PRO A 222 -2.39 -10.73 -18.63
N GLN A 223 -2.88 -11.82 -19.24
CA GLN A 223 -4.11 -12.46 -18.78
C GLN A 223 -4.00 -12.82 -17.31
N GLY A 224 -2.82 -13.22 -16.89
CA GLY A 224 -2.59 -13.64 -15.51
C GLY A 224 -2.60 -12.51 -14.49
N VAL A 225 -2.77 -11.25 -14.94
CA VAL A 225 -2.71 -10.11 -14.01
C VAL A 225 -3.86 -10.22 -13.00
N THR A 226 -4.90 -10.98 -13.31
CA THR A 226 -5.97 -11.25 -12.37
C THR A 226 -5.59 -12.16 -11.23
N SER A 227 -4.33 -12.60 -11.19
CA SER A 227 -3.80 -13.33 -10.04
CA SER A 227 -3.80 -13.31 -10.02
C SER A 227 -2.59 -12.61 -9.42
N TYR A 228 -2.24 -11.40 -9.90
CA TYR A 228 -1.05 -10.72 -9.43
C TYR A 228 -1.28 -9.92 -8.15
N ALA A 229 -0.42 -10.13 -7.16
CA ALA A 229 -0.26 -9.19 -6.04
C ALA A 229 0.98 -8.32 -6.29
N GLU A 230 1.42 -7.60 -5.27
CA GLU A 230 2.56 -6.67 -5.40
C GLU A 230 3.79 -7.35 -6.03
N GLU A 231 4.16 -8.52 -5.51
CA GLU A 231 5.37 -9.18 -5.95
C GLU A 231 5.31 -9.78 -7.37
N GLU A 232 4.14 -10.29 -7.77
CA GLU A 232 3.97 -10.84 -9.13
C GLU A 232 4.10 -9.75 -10.14
N ALA A 233 3.47 -8.61 -9.86
CA ALA A 233 3.66 -7.46 -10.75
C ALA A 233 5.16 -7.02 -10.78
N ARG A 234 5.76 -6.88 -9.61
CA ARG A 234 7.11 -6.41 -9.54
C ARG A 234 8.05 -7.35 -10.29
N ASN A 235 7.80 -8.65 -10.22
CA ASN A 235 8.74 -9.57 -10.84
CA ASN A 235 8.66 -9.67 -10.90
C ASN A 235 8.72 -9.46 -12.40
N VAL A 236 7.57 -9.30 -13.01
CA VAL A 236 7.50 -9.06 -14.45
C VAL A 236 8.22 -7.77 -14.86
N TRP A 237 7.91 -6.72 -14.11
CA TRP A 237 8.54 -5.41 -14.27
C TRP A 237 10.07 -5.48 -14.10
N GLN A 238 10.53 -6.11 -13.03
CA GLN A 238 11.93 -6.04 -12.62
C GLN A 238 12.80 -6.87 -13.55
N GLN A 239 12.22 -7.85 -14.18
CA GLN A 239 12.94 -8.61 -15.16
C GLN A 239 13.08 -7.85 -16.52
N GLY A 240 12.43 -6.70 -16.66
CA GLY A 240 12.53 -5.87 -17.84
C GLY A 240 11.36 -6.07 -18.79
N ASN A 241 10.30 -6.71 -18.31
CA ASN A 241 9.21 -7.12 -19.18
C ASN A 241 7.90 -6.32 -19.10
N SER A 242 7.97 -5.11 -18.54
CA SER A 242 6.81 -4.25 -18.60
C SER A 242 7.16 -2.77 -18.75
N LEU A 243 6.50 -2.08 -19.67
CA LEU A 243 6.78 -0.65 -19.87
C LEU A 243 6.39 0.13 -18.59
N PHE A 244 5.23 -0.23 -18.03
CA PHE A 244 4.66 0.46 -16.89
C PHE A 244 4.29 -0.52 -15.78
N MET A 245 4.31 -0.01 -14.56
CA MET A 245 3.76 -0.81 -13.41
C MET A 245 3.12 0.13 -12.44
N ARG A 246 1.94 -0.25 -11.93
CA ARG A 246 1.47 0.43 -10.71
C ARG A 246 1.96 -0.35 -9.51
N ASN A 247 2.64 0.30 -8.57
CA ASN A 247 3.02 -0.35 -7.33
C ASN A 247 3.34 0.71 -6.27
N TRP A 248 3.80 0.27 -5.11
CA TRP A 248 4.20 1.12 -4.00
C TRP A 248 5.71 1.45 -4.13
N PRO A 249 6.19 2.49 -3.38
CA PRO A 249 7.59 2.93 -3.24
C PRO A 249 8.63 1.85 -3.03
N TYR A 250 8.31 0.78 -2.28
CA TYR A 250 9.32 -0.22 -1.96
C TYR A 250 9.98 -0.82 -3.25
N ALA A 251 9.28 -0.84 -4.38
CA ALA A 251 9.81 -1.50 -5.57
C ALA A 251 10.95 -0.75 -6.16
N TYR A 252 11.06 0.53 -5.81
CA TYR A 252 12.14 1.40 -6.36
C TYR A 252 13.54 0.93 -5.93
N ALA A 253 13.77 0.81 -4.68
CA ALA A 253 15.08 0.35 -4.22
C ALA A 253 15.43 -1.05 -4.79
N LEU A 254 14.43 -1.94 -4.84
CA LEU A 254 14.64 -3.28 -5.34
C LEU A 254 15.05 -3.25 -6.83
N GLY A 255 14.41 -2.38 -7.59
CA GLY A 255 14.69 -2.25 -9.01
C GLY A 255 16.05 -1.64 -9.27
N GLN A 256 16.58 -0.87 -8.32
CA GLN A 256 17.89 -0.24 -8.40
C GLN A 256 19.03 -1.11 -7.88
N ALA A 257 18.75 -2.25 -7.32
CA ALA A 257 19.80 -3.02 -6.71
C ALA A 257 20.74 -3.59 -7.77
N GLU A 258 21.99 -3.80 -7.37
CA GLU A 258 22.95 -4.41 -8.27
C GLU A 258 22.41 -5.74 -8.73
N GLY A 259 22.51 -5.99 -10.03
CA GLY A 259 21.95 -7.24 -10.59
C GLY A 259 20.49 -7.17 -11.01
N SER A 260 19.82 -6.04 -10.74
CA SER A 260 18.50 -5.81 -11.31
C SER A 260 18.66 -5.48 -12.77
N PRO A 261 17.94 -6.16 -13.66
CA PRO A 261 17.93 -5.92 -15.11
C PRO A 261 17.55 -4.52 -15.47
N ILE A 262 16.81 -3.82 -14.58
CA ILE A 262 16.27 -2.54 -14.90
C ILE A 262 16.95 -1.40 -14.12
N ARG A 263 18.04 -1.68 -13.44
CA ARG A 263 18.78 -0.68 -12.69
C ARG A 263 19.11 0.49 -13.62
N GLY A 264 18.77 1.69 -13.16
CA GLY A 264 18.99 2.95 -13.89
C GLY A 264 18.07 3.20 -15.09
N LYS A 265 17.08 2.34 -15.34
CA LYS A 265 16.30 2.49 -16.56
C LYS A 265 14.87 2.99 -16.30
N PHE A 266 14.56 3.39 -15.05
CA PHE A 266 13.17 3.78 -14.76
C PHE A 266 13.01 5.01 -13.93
N GLY A 267 11.79 5.55 -13.98
CA GLY A 267 11.40 6.63 -13.05
C GLY A 267 10.05 6.31 -12.44
N VAL A 268 9.56 7.24 -11.65
CA VAL A 268 8.26 7.17 -11.07
C VAL A 268 7.57 8.53 -11.19
N THR A 269 6.25 8.47 -11.24
CA THR A 269 5.39 9.62 -11.30
C THR A 269 4.05 9.29 -10.79
N VAL A 270 3.20 10.30 -10.67
CA VAL A 270 1.82 10.09 -10.26
C VAL A 270 1.07 9.22 -11.29
N LEU A 271 0.16 8.39 -10.80
CA LEU A 271 -0.62 7.59 -11.73
C LEU A 271 -1.41 8.50 -12.69
N PRO A 272 -1.71 8.00 -13.89
CA PRO A 272 -2.54 8.79 -14.84
C PRO A 272 -3.95 8.99 -14.37
N LYS A 273 -4.68 9.88 -15.04
CA LYS A 273 -6.06 10.06 -14.75
C LYS A 273 -6.89 10.24 -16.01
N ALA A 274 -8.21 10.27 -15.87
CA ALA A 274 -9.07 10.18 -17.09
C ALA A 274 -8.90 11.43 -17.91
N SER A 275 -8.82 12.56 -17.22
CA SER A 275 -8.76 13.87 -17.89
C SER A 275 -8.12 14.87 -16.98
N ALA A 276 -7.66 15.98 -17.57
CA ALA A 276 -6.98 17.01 -16.81
C ALA A 276 -7.75 17.48 -15.59
N ASP A 277 -9.07 17.47 -15.61
CA ASP A 277 -9.78 17.96 -14.41
C ASP A 277 -10.22 16.87 -13.41
N ALA A 278 -9.85 15.61 -13.65
CA ALA A 278 -10.04 14.58 -12.65
C ALA A 278 -9.01 14.75 -11.51
N PRO A 279 -9.29 14.19 -10.33
CA PRO A 279 -8.25 14.29 -9.30
C PRO A 279 -7.15 13.25 -9.54
N ASN A 280 -5.94 13.59 -9.14
CA ASN A 280 -4.85 12.61 -9.11
C ASN A 280 -5.28 11.57 -8.09
N ALA A 281 -4.96 10.29 -8.34
CA ALA A 281 -5.22 9.25 -7.41
C ALA A 281 -3.96 8.51 -7.01
N ALA A 282 -3.74 8.43 -5.70
CA ALA A 282 -2.72 7.56 -5.14
C ALA A 282 -3.30 6.99 -3.86
N THR A 283 -3.57 5.69 -3.80
CA THR A 283 -4.21 5.15 -2.58
C THR A 283 -3.22 5.22 -1.41
N LEU A 284 -3.70 5.73 -0.27
CA LEU A 284 -2.94 5.80 0.97
C LEU A 284 -2.76 4.38 1.55
N GLY A 285 -1.51 4.02 1.77
CA GLY A 285 -1.13 2.78 2.42
C GLY A 285 -0.25 3.02 3.61
N GLY A 286 0.36 1.95 4.13
CA GLY A 286 1.39 2.07 5.12
C GLY A 286 1.16 1.29 6.39
N ALA A 287 2.16 1.36 7.26
CA ALA A 287 2.24 0.52 8.43
C ALA A 287 2.38 1.37 9.68
N GLN A 288 1.78 0.85 10.76
CA GLN A 288 1.83 1.45 12.08
C GLN A 288 2.30 0.35 13.03
N LEU A 289 2.76 0.76 14.18
CA LEU A 289 3.34 -0.15 15.18
C LEU A 289 2.46 -0.19 16.41
N MET A 290 1.88 -1.35 16.68
CA MET A 290 0.95 -1.53 17.78
C MET A 290 1.58 -2.42 18.89
N VAL A 291 1.40 -2.01 20.14
CA VAL A 291 1.71 -2.85 21.29
C VAL A 291 0.48 -3.64 21.61
N SER A 292 0.63 -4.95 21.75
CA SER A 292 -0.51 -5.77 22.07
C SER A 292 -1.11 -5.42 23.44
N ALA A 293 -2.43 -5.33 23.51
CA ALA A 293 -3.18 -5.19 24.78
C ALA A 293 -2.90 -6.44 25.66
N TYR A 294 -2.49 -7.53 25.02
CA TYR A 294 -2.27 -8.83 25.69
C TYR A 294 -0.79 -9.04 26.00
N SER A 295 0.09 -8.08 25.66
CA SER A 295 1.48 -8.22 25.96
C SER A 295 1.69 -8.18 27.50
N ARG A 296 2.47 -9.10 28.00
CA ARG A 296 2.88 -9.10 29.43
C ARG A 296 3.98 -8.05 29.73
N TYR A 297 4.58 -7.47 28.70
CA TYR A 297 5.71 -6.58 28.82
C TYR A 297 5.46 -5.22 28.13
N PRO A 298 4.41 -4.49 28.57
CA PRO A 298 4.06 -3.25 27.87
C PRO A 298 5.15 -2.22 27.85
N LYS A 299 5.92 -2.12 28.91
CA LYS A 299 6.96 -1.10 28.91
C LYS A 299 8.07 -1.35 27.91
N GLU A 300 8.56 -2.57 27.87
CA GLU A 300 9.58 -2.96 26.98
C GLU A 300 9.07 -2.85 25.54
N ALA A 301 7.86 -3.29 25.31
CA ALA A 301 7.26 -3.29 23.95
C ALA A 301 7.08 -1.85 23.47
N VAL A 302 6.61 -0.96 24.34
CA VAL A 302 6.59 0.46 24.00
C VAL A 302 7.99 1.01 23.62
N ASP A 303 9.02 0.68 24.39
CA ASP A 303 10.37 1.09 24.03
CA ASP A 303 10.36 1.07 24.03
C ASP A 303 10.77 0.61 22.64
N LEU A 304 10.48 -0.66 22.33
CA LEU A 304 10.80 -1.17 21.02
C LEU A 304 10.03 -0.39 19.93
N VAL A 305 8.73 -0.14 20.15
CA VAL A 305 7.95 0.57 19.15
C VAL A 305 8.48 1.99 18.92
N LYS A 306 8.84 2.65 20.00
CA LYS A 306 9.46 3.97 19.84
C LYS A 306 10.76 3.93 19.05
N TYR A 307 11.59 2.93 19.29
CA TYR A 307 12.83 2.79 18.55
C TYR A 307 12.53 2.56 17.07
N LEU A 308 11.64 1.65 16.81
CA LEU A 308 11.33 1.36 15.40
C LEU A 308 10.79 2.59 14.64
N ALA A 309 10.01 3.42 15.32
CA ALA A 309 9.44 4.60 14.71
C ALA A 309 10.37 5.81 14.77
N SER A 310 11.56 5.64 15.32
CA SER A 310 12.52 6.74 15.46
C SER A 310 13.08 7.24 14.15
N TYR A 311 13.64 8.45 14.24
CA TYR A 311 14.25 9.09 13.09
C TYR A 311 15.23 8.22 12.37
N GLU A 312 16.18 7.61 13.10
CA GLU A 312 17.25 6.90 12.39
CA GLU A 312 17.26 6.84 12.54
C GLU A 312 16.75 5.56 11.83
N VAL A 313 15.79 4.91 12.47
CA VAL A 313 15.28 3.66 11.88
C VAL A 313 14.43 3.98 10.60
N GLN A 314 13.59 5.01 10.68
CA GLN A 314 12.83 5.43 9.48
C GLN A 314 13.77 5.86 8.36
N LYS A 315 14.86 6.53 8.74
CA LYS A 315 15.86 6.91 7.75
C LYS A 315 16.43 5.71 7.04
N ASP A 316 16.77 4.68 7.79
CA ASP A 316 17.29 3.44 7.25
C ASP A 316 16.27 2.80 6.29
N ASN A 317 15.00 2.83 6.68
CA ASN A 317 13.91 2.27 5.88
C ASN A 317 13.85 3.05 4.53
N ALA A 318 13.97 4.38 4.59
CA ALA A 318 13.93 5.21 3.40
C ALA A 318 15.16 4.96 2.49
N VAL A 319 16.33 5.02 3.08
CA VAL A 319 17.57 4.86 2.28
C VAL A 319 17.73 3.47 1.67
N ARG A 320 17.52 2.45 2.48
CA ARG A 320 17.75 1.08 1.99
C ARG A 320 16.57 0.41 1.30
N LEU A 321 15.34 0.73 1.72
CA LEU A 321 14.16 0.06 1.20
C LEU A 321 13.18 0.97 0.45
N SER A 322 13.57 2.24 0.28
CA SER A 322 12.75 3.24 -0.39
C SER A 322 11.33 3.26 0.09
N ARG A 323 11.15 3.14 1.39
CA ARG A 323 9.83 3.26 2.00
C ARG A 323 9.68 4.61 2.72
N LEU A 324 8.48 5.13 2.66
CA LEU A 324 8.19 6.52 2.92
C LEU A 324 8.11 6.82 4.44
N PRO A 325 8.90 7.75 4.92
CA PRO A 325 8.79 8.15 6.31
C PRO A 325 7.46 8.72 6.74
N THR A 326 7.13 8.56 8.01
CA THR A 326 5.98 9.21 8.60
C THR A 326 6.39 10.47 9.36
N ARG A 327 7.66 10.86 9.23
CA ARG A 327 8.18 12.05 9.87
C ARG A 327 8.48 13.09 8.79
N PRO A 328 7.80 14.24 8.84
CA PRO A 328 8.12 15.26 7.81
C PRO A 328 9.60 15.69 7.74
N ALA A 329 10.28 15.67 8.86
CA ALA A 329 11.69 16.08 8.86
C ALA A 329 12.56 15.20 7.96
N LEU A 330 12.18 13.94 7.74
CA LEU A 330 12.99 13.10 6.90
C LEU A 330 12.90 13.45 5.43
N TYR A 331 11.88 14.20 5.02
CA TYR A 331 11.74 14.56 3.61
C TYR A 331 12.66 15.73 3.24
N THR A 332 13.28 16.34 4.24
CA THR A 332 14.30 17.37 3.97
C THR A 332 15.70 16.89 4.29
N ASP A 333 15.86 15.62 4.69
CA ASP A 333 17.15 15.07 5.05
C ASP A 333 18.03 14.83 3.83
N ARG A 334 19.23 15.38 3.83
CA ARG A 334 20.03 15.35 2.63
C ARG A 334 20.30 13.94 2.09
N ASP A 335 20.47 12.97 2.99
CA ASP A 335 20.83 11.62 2.57
C ASP A 335 19.62 10.87 2.05
N VAL A 336 18.46 11.07 2.68
CA VAL A 336 17.17 10.53 2.18
C VAL A 336 16.95 11.03 0.76
N LEU A 337 17.14 12.36 0.55
CA LEU A 337 16.81 12.92 -0.73
C LEU A 337 17.85 12.59 -1.81
N ALA A 338 19.10 12.51 -1.45
CA ALA A 338 20.13 12.14 -2.42
C ALA A 338 19.89 10.72 -3.01
N ARG A 339 19.43 9.83 -2.11
CA ARG A 339 19.15 8.47 -2.49
C ARG A 339 17.84 8.36 -3.23
N ASN A 340 16.79 9.09 -2.79
CA ASN A 340 15.45 9.04 -3.36
C ASN A 340 14.95 10.48 -3.71
N PRO A 341 15.45 11.03 -4.83
CA PRO A 341 15.10 12.43 -5.14
C PRO A 341 13.64 12.56 -5.42
N TRP A 342 13.02 11.48 -5.91
CA TRP A 342 11.61 11.42 -6.16
C TRP A 342 10.74 11.56 -4.91
N PHE A 343 11.28 11.39 -3.72
CA PHE A 343 10.54 11.64 -2.53
C PHE A 343 10.13 13.12 -2.49
N ARG A 344 11.01 14.00 -2.94
CA ARG A 344 10.66 15.40 -2.99
C ARG A 344 9.64 15.68 -4.11
N ASP A 345 9.86 15.09 -5.28
CA ASP A 345 9.00 15.38 -6.43
C ASP A 345 7.56 14.94 -6.10
N LEU A 346 7.41 13.81 -5.42
CA LEU A 346 6.12 13.22 -5.20
C LEU A 346 5.50 13.47 -3.84
N LEU A 347 6.22 14.19 -2.97
CA LEU A 347 5.67 14.48 -1.68
C LEU A 347 4.22 15.01 -1.72
N PRO A 348 3.89 15.90 -2.61
CA PRO A 348 2.49 16.38 -2.62
C PRO A 348 1.45 15.27 -2.99
N VAL A 349 1.91 14.37 -3.83
CA VAL A 349 1.12 13.15 -4.18
C VAL A 349 0.92 12.28 -2.96
N PHE A 350 1.97 12.08 -2.18
CA PHE A 350 1.87 11.36 -0.93
C PHE A 350 0.94 12.05 0.04
N GLN A 351 1.05 13.37 0.17
CA GLN A 351 0.18 14.09 1.08
C GLN A 351 -1.29 14.14 0.68
N ASN A 352 -1.56 14.07 -0.61
CA ASN A 352 -2.88 14.11 -1.14
C ASN A 352 -3.40 12.68 -1.44
N ALA A 353 -2.73 11.63 -0.96
CA ALA A 353 -3.19 10.29 -1.20
C ALA A 353 -4.64 10.10 -0.75
N VAL A 354 -5.40 9.36 -1.54
CA VAL A 354 -6.79 9.11 -1.28
C VAL A 354 -6.92 7.89 -0.38
N SER A 355 -7.69 8.00 0.69
CA SER A 355 -7.86 6.87 1.57
CA SER A 355 -7.89 6.89 1.61
C SER A 355 -8.98 5.96 1.11
N ARG A 356 -8.76 4.66 1.33
CA ARG A 356 -9.81 3.64 1.32
C ARG A 356 -10.82 3.98 2.46
N PRO A 357 -12.03 3.42 2.42
CA PRO A 357 -13.11 3.85 3.37
C PRO A 357 -13.00 3.16 4.74
N SER A 358 -11.78 3.01 5.25
CA SER A 358 -11.59 2.46 6.59
C SER A 358 -12.09 3.31 7.74
N ASP A 359 -11.96 4.63 7.67
CA ASP A 359 -12.53 5.45 8.73
C ASP A 359 -14.03 5.29 8.81
N VAL A 360 -14.70 5.39 7.66
CA VAL A 360 -16.15 5.36 7.65
C VAL A 360 -16.72 3.97 7.91
N ALA A 361 -16.05 2.93 7.44
CA ALA A 361 -16.50 1.55 7.68
C ALA A 361 -16.09 1.02 9.04
N GLY A 362 -15.09 1.63 9.65
CA GLY A 362 -14.62 1.20 10.95
C GLY A 362 -14.30 -0.27 11.03
N ALA A 363 -14.87 -0.94 12.04
CA ALA A 363 -14.56 -2.33 12.27
C ALA A 363 -15.18 -3.23 11.22
N ARG A 364 -16.08 -2.70 10.37
CA ARG A 364 -16.57 -3.51 9.24
C ARG A 364 -15.74 -3.28 7.95
N TYR A 365 -14.59 -2.58 8.01
CA TYR A 365 -13.85 -2.33 6.78
C TYR A 365 -13.48 -3.57 5.98
N ASN A 366 -13.02 -4.61 6.65
CA ASN A 366 -12.63 -5.81 5.93
C ASN A 366 -13.78 -6.41 5.13
N GLN A 367 -15.01 -6.45 5.69
CA GLN A 367 -16.12 -6.92 4.91
C GLN A 367 -16.43 -6.01 3.69
N VAL A 368 -16.32 -4.70 3.88
CA VAL A 368 -16.55 -3.75 2.78
C VAL A 368 -15.50 -4.01 1.66
N SER A 369 -14.25 -4.16 2.05
CA SER A 369 -13.15 -4.32 1.10
C SER A 369 -13.30 -5.65 0.35
N GLU A 370 -13.71 -6.69 1.02
CA GLU A 370 -13.91 -7.95 0.33
C GLU A 370 -15.02 -7.82 -0.74
N ALA A 371 -16.09 -7.06 -0.42
CA ALA A 371 -17.08 -6.78 -1.40
C ALA A 371 -16.52 -6.06 -2.61
N ILE A 372 -15.76 -4.99 -2.34
CA ILE A 372 -15.11 -4.23 -3.41
C ILE A 372 -14.22 -5.12 -4.25
N TRP A 373 -13.33 -5.89 -3.64
CA TRP A 373 -12.38 -6.55 -4.51
C TRP A 373 -13.06 -7.69 -5.27
N THR A 374 -14.04 -8.31 -4.67
CA THR A 374 -14.73 -9.39 -5.41
C THR A 374 -15.56 -8.85 -6.59
N GLU A 375 -16.22 -7.71 -6.41
CA GLU A 375 -17.00 -7.13 -7.52
C GLU A 375 -16.05 -6.55 -8.59
N VAL A 376 -14.97 -5.92 -8.17
CA VAL A 376 -14.02 -5.43 -9.16
C VAL A 376 -13.39 -6.62 -9.93
N HIS A 377 -13.00 -7.63 -9.19
CA HIS A 377 -12.43 -8.79 -9.83
C HIS A 377 -13.34 -9.41 -10.90
N SER A 378 -14.64 -9.38 -10.64
CA SER A 378 -15.66 -9.96 -11.56
C SER A 378 -15.67 -9.17 -12.85
N VAL A 379 -15.27 -7.88 -12.80
CA VAL A 379 -15.14 -7.12 -14.03
C VAL A 379 -13.79 -7.48 -14.73
N LEU A 380 -12.70 -7.51 -13.97
CA LEU A 380 -11.42 -7.84 -14.55
C LEU A 380 -11.49 -9.21 -15.28
N THR A 381 -12.18 -10.15 -14.68
CA THR A 381 -12.22 -11.56 -15.27
C THR A 381 -13.23 -11.68 -16.40
N GLY A 382 -14.00 -10.63 -16.66
CA GLY A 382 -15.00 -10.63 -17.67
C GLY A 382 -16.34 -11.19 -17.28
N ARG A 383 -16.52 -11.60 -16.03
CA ARG A 383 -17.78 -12.18 -15.59
C ARG A 383 -18.92 -11.14 -15.67
N LYS A 384 -18.58 -9.89 -15.32
CA LYS A 384 -19.60 -8.77 -15.27
C LYS A 384 -19.06 -7.56 -15.93
N LYS A 385 -19.94 -6.70 -16.46
CA LYS A 385 -19.53 -5.38 -16.91
C LYS A 385 -19.49 -4.41 -15.73
N GLY A 386 -18.76 -3.31 -15.90
CA GLY A 386 -18.65 -2.31 -14.87
C GLY A 386 -19.99 -1.82 -14.32
N GLU A 387 -20.94 -1.63 -15.24
CA GLU A 387 -22.27 -1.11 -14.85
C GLU A 387 -22.95 -2.03 -13.90
N GLN A 388 -22.99 -3.33 -14.21
CA GLN A 388 -23.59 -4.26 -13.28
C GLN A 388 -22.78 -4.38 -12.01
N ALA A 389 -21.46 -4.45 -12.12
CA ALA A 389 -20.66 -4.61 -10.93
C ALA A 389 -20.81 -3.46 -9.91
N VAL A 390 -20.89 -2.21 -10.36
CA VAL A 390 -21.07 -1.12 -9.41
C VAL A 390 -22.43 -1.08 -8.79
N ARG A 391 -23.46 -1.50 -9.54
CA ARG A 391 -24.77 -1.65 -8.95
C ARG A 391 -24.79 -2.76 -7.88
N ASP A 392 -24.16 -3.90 -8.19
CA ASP A 392 -24.13 -5.00 -7.25
C ASP A 392 -23.26 -4.64 -6.03
N LEU A 393 -22.21 -3.91 -6.27
CA LEU A 393 -21.32 -3.49 -5.17
C LEU A 393 -22.07 -2.53 -4.23
N GLU A 394 -22.77 -1.58 -4.80
CA GLU A 394 -23.62 -0.66 -4.01
C GLU A 394 -24.51 -1.45 -3.10
N ALA A 395 -25.19 -2.43 -3.67
CA ALA A 395 -26.13 -3.24 -2.89
C ALA A 395 -25.46 -4.00 -1.77
N ARG A 396 -24.33 -4.60 -2.07
CA ARG A 396 -23.56 -5.33 -1.08
C ARG A 396 -23.09 -4.44 0.06
N ILE A 397 -22.50 -3.28 -0.31
CA ILE A 397 -22.02 -2.37 0.74
C ILE A 397 -23.18 -1.81 1.59
N ARG A 398 -24.33 -1.56 0.97
CA ARG A 398 -25.51 -1.08 1.73
C ARG A 398 -25.88 -2.09 2.79
N ARG A 399 -25.81 -3.37 2.45
CA ARG A 399 -26.16 -4.44 3.43
C ARG A 399 -25.11 -4.50 4.54
N ILE A 400 -23.82 -4.40 4.17
CA ILE A 400 -22.76 -4.46 5.14
C ILE A 400 -22.85 -3.35 6.13
N LEU A 401 -23.11 -2.14 5.65
CA LEU A 401 -23.01 -0.95 6.47
C LEU A 401 -24.39 -0.52 7.06
N ARG A 402 -25.46 -1.23 6.73
CA ARG A 402 -26.78 -0.88 7.28
C ARG A 402 -26.67 -0.94 8.82
N HIS A 403 -27.15 0.08 9.49
CA HIS A 403 -27.08 0.08 10.98
C HIS A 403 -25.66 0.30 11.55
N HIS A 404 -24.67 0.57 10.70
CA HIS A 404 -23.36 1.08 11.17
C HIS A 404 -23.32 2.65 11.10
N HIS A 405 -23.02 3.38 12.20
CA HIS A 405 -22.67 4.85 12.05
C HIS A 405 -21.23 5.12 12.53
N HIS A 406 -20.58 6.18 11.99
CA HIS A 406 -19.16 6.51 12.34
C HIS A 406 -19.13 7.49 13.52
C1 GLC B . 0.76 -2.19 0.87
C2 GLC B . 0.23 -0.98 1.65
C3 GLC B . -0.95 -1.42 2.49
C4 GLC B . -1.98 -2.08 1.56
C5 GLC B . -1.41 -3.26 0.79
C6 GLC B . -2.35 -3.89 -0.21
O1 GLC B . 1.26 -3.09 1.87
O2 GLC B . 1.17 -0.44 2.53
O3 GLC B . -1.57 -0.25 3.12
O4 GLC B . -3.13 -2.49 2.34
O5 GLC B . -0.21 -2.86 0.10
O6 GLC B . -1.81 -5.07 -0.82
C1 CIT C . -17.15 0.03 14.83
O1 CIT C . -16.71 0.50 15.90
O2 CIT C . -16.98 0.47 13.64
C2 CIT C . -17.97 -1.22 14.97
C3 CIT C . -19.15 -0.97 15.84
O7 CIT C . -19.65 0.32 15.42
C4 CIT C . -20.21 -2.06 15.64
C5 CIT C . -20.75 -2.11 14.21
O3 CIT C . -20.19 -2.86 13.36
O4 CIT C . -21.75 -1.41 13.92
C6 CIT C . -18.75 -1.05 17.31
O5 CIT C . -17.99 -1.96 17.71
O6 CIT C . -19.24 -0.17 18.03
C1 GOL D . 19.29 3.55 15.70
O1 GOL D . 19.38 4.84 16.33
C2 GOL D . 19.74 3.50 14.23
O2 GOL D . 21.15 3.75 14.12
C3 GOL D . 19.36 2.19 13.55
O3 GOL D . 19.05 2.36 12.18
C1 GOL E . 22.80 8.20 -3.47
O1 GOL E . 22.77 7.90 -2.05
C2 GOL E . 23.80 9.33 -3.66
O2 GOL E . 24.94 9.10 -2.80
C3 GOL E . 24.33 9.47 -5.09
O3 GOL E . 23.97 8.40 -5.95
C1 PEG F . 17.87 -6.08 3.25
O1 PEG F . 17.23 -6.03 4.53
C2 PEG F . 18.77 -4.90 2.98
O2 PEG F . 18.38 -4.38 1.71
C3 PEG F . 19.47 -3.91 0.92
C4 PEG F . 20.11 -2.75 1.67
O4 PEG F . 21.30 -3.12 2.37
C1 EDO G . 1.74 -2.36 4.66
O1 EDO G . 3.08 -2.21 4.21
C2 EDO G . 1.31 -2.00 6.06
O2 EDO G . 1.42 -3.04 7.04
C CO2 H . -21.14 -9.22 0.85
O1 CO2 H . -20.10 -9.48 1.18
O2 CO2 H . -22.16 -9.03 0.43
#